data_5IYP
#
_entry.id   5IYP
#
_cell.length_a   89.710
_cell.length_b   106.120
_cell.length_c   135.920
_cell.angle_alpha   90.000
_cell.angle_beta   90.000
_cell.angle_gamma   90.000
#
_symmetry.space_group_name_H-M   'I 2 2 2'
#
loop_
_entity.id
_entity.type
_entity.pdbx_description
1 polymer VP1
2 branched alpha-L-fucopyranose-(1-2)-[2-acetamido-2-deoxy-alpha-D-galactopyranose-(1-3)]alpha-D-galactopyranose
3 non-polymer 1,2-ETHANEDIOL
4 non-polymer 'CITRATE ANION'
5 water water
#
_entity_poly.entity_id   1
_entity_poly.type   'polypeptide(L)'
_entity_poly.pdbx_seq_one_letter_code
;SKPFTVPILTVEEMSNSRFPIPLEKLYTGPSSAFVVQPQNGRCTTDGVLLGTTQLSAVNICNFRGDVTRVGISHDYTMNL
VSQNWNNYDPTEEIPAPLGTPDFVGKIQGLLTQTTRADGSTRAHKATVSTGSVHFTPKLGSVQFTTDTNNDFQTGQNTKF
TPVGVIQDGDHHQNEPQQWVLPNYSGTSGHNVHLAPAVAPTFPGEQLLFFRSTMPGCSGYPNMNLDCLLPQEWVSHFYQE
AAPAQSDVALLRFVNPDTGRVLFECKLHKSGYITVAHTGPYDLVIPPNGYFRFDSWVNQFYTLAPM
;
_entity_poly.pdbx_strand_id   A,B
#
# COMPACT_ATOMS: atom_id res chain seq x y z
N LYS A 2 -2.00 -20.50 20.82
CA LYS A 2 -1.51 -19.14 20.61
C LYS A 2 -2.62 -18.14 20.88
N PRO A 3 -2.39 -17.17 21.77
CA PRO A 3 -3.43 -16.15 22.03
C PRO A 3 -3.73 -15.31 20.81
N PHE A 4 -5.01 -15.14 20.53
CA PHE A 4 -5.47 -14.28 19.45
C PHE A 4 -5.25 -12.81 19.81
N THR A 5 -4.90 -12.01 18.82
CA THR A 5 -4.73 -10.57 18.97
C THR A 5 -5.13 -9.90 17.66
N VAL A 6 -5.43 -8.62 17.75
CA VAL A 6 -5.55 -7.77 16.57
C VAL A 6 -4.46 -6.71 16.63
N PRO A 7 -4.09 -6.13 15.49
CA PRO A 7 -3.05 -5.10 15.50
C PRO A 7 -3.40 -3.91 16.38
N ILE A 8 -2.36 -3.21 16.87
CA ILE A 8 -2.56 -2.04 17.70
C ILE A 8 -2.51 -0.76 16.90
N LEU A 9 -2.38 -0.89 15.58
CA LEU A 9 -2.38 0.29 14.73
C LEU A 9 -3.68 1.07 14.80
N THR A 10 -3.58 2.39 14.71
CA THR A 10 -4.76 3.23 14.67
C THR A 10 -5.38 3.16 13.27
N VAL A 11 -6.62 3.62 13.14
CA VAL A 11 -7.31 3.56 11.86
C VAL A 11 -6.52 4.25 10.76
N GLU A 12 -6.02 5.46 11.02
CA GLU A 12 -5.32 6.22 9.99
C GLU A 12 -3.90 5.73 9.71
N GLU A 13 -3.41 4.79 10.52
CA GLU A 13 -2.15 4.11 10.24
C GLU A 13 -2.32 2.90 9.33
N MET A 14 -3.56 2.58 8.96
CA MET A 14 -3.84 1.37 8.19
C MET A 14 -4.37 1.69 6.81
N SER A 15 -4.52 0.63 6.03
CA SER A 15 -4.85 0.70 4.61
C SER A 15 -6.15 -0.01 4.29
N ASN A 16 -6.89 0.54 3.33
CA ASN A 16 -8.09 -0.10 2.84
C ASN A 16 -7.69 -1.41 2.17
N SER A 17 -8.47 -2.45 2.40
CA SER A 17 -8.19 -3.75 1.82
C SER A 17 -8.90 -3.95 0.47
N ARG A 18 -9.55 -2.90 -0.05
CA ARG A 18 -10.26 -3.00 -1.33
C ARG A 18 -9.73 -2.03 -2.39
N PHE A 19 -8.78 -1.18 -2.02
CA PHE A 19 -8.17 -0.25 -2.97
C PHE A 19 -6.94 0.30 -2.28
N PRO A 20 -5.87 0.65 -3.03
CA PRO A 20 -4.60 1.02 -2.37
C PRO A 20 -4.54 2.45 -1.84
N ILE A 21 -5.35 2.72 -0.83
CA ILE A 21 -5.48 4.05 -0.22
C ILE A 21 -5.61 3.87 1.28
N PRO A 22 -5.23 4.88 2.05
CA PRO A 22 -5.32 4.74 3.51
C PRO A 22 -6.74 4.72 4.01
N LEU A 23 -6.94 4.09 5.16
CA LEU A 23 -8.20 4.23 5.87
C LEU A 23 -8.33 5.65 6.38
N GLU A 24 -9.58 6.11 6.49
CA GLU A 24 -9.87 7.46 6.94
C GLU A 24 -10.71 7.50 8.20
N LYS A 25 -11.67 6.60 8.33
CA LYS A 25 -12.69 6.71 9.36
C LYS A 25 -13.47 5.41 9.48
N LEU A 26 -14.34 5.36 10.49
CA LEU A 26 -15.21 4.22 10.75
C LEU A 26 -16.64 4.65 10.55
N TYR A 27 -17.43 3.77 9.95
CA TYR A 27 -18.82 4.05 9.65
C TYR A 27 -19.65 2.80 9.96
N THR A 28 -20.82 3.00 10.56
CA THR A 28 -21.80 1.93 10.64
C THR A 28 -23.09 2.39 10.02
N GLY A 29 -23.81 1.46 9.43
CA GLY A 29 -25.12 1.78 8.89
C GLY A 29 -25.87 0.51 8.59
N PRO A 30 -27.16 0.65 8.27
CA PRO A 30 -27.95 -0.51 7.84
C PRO A 30 -27.45 -1.05 6.52
N SER A 31 -27.56 -2.36 6.36
CA SER A 31 -27.17 -2.99 5.11
C SER A 31 -28.11 -4.14 4.78
N SER A 32 -29.33 -4.08 5.30
CA SER A 32 -30.29 -5.15 5.05
C SER A 32 -30.81 -5.09 3.62
N ALA A 33 -30.82 -3.91 3.02
CA ALA A 33 -31.46 -3.71 1.73
C ALA A 33 -30.60 -4.14 0.57
N PHE A 34 -29.35 -4.54 0.82
CA PHE A 34 -28.43 -4.89 -0.25
C PHE A 34 -27.42 -5.93 0.19
N VAL A 35 -26.72 -6.53 -0.77
CA VAL A 35 -25.78 -7.61 -0.52
C VAL A 35 -24.39 -7.06 -0.23
N VAL A 36 -23.84 -7.42 0.92
CA VAL A 36 -22.48 -7.05 1.27
C VAL A 36 -21.60 -8.28 1.07
N GLN A 37 -20.88 -8.33 -0.05
CA GLN A 37 -20.10 -9.49 -0.40
C GLN A 37 -18.78 -9.09 -1.08
N PRO A 38 -18.04 -8.18 -0.44
CA PRO A 38 -16.73 -7.85 -1.01
C PRO A 38 -15.83 -9.07 -1.04
N GLN A 39 -14.90 -9.10 -1.99
CA GLN A 39 -14.02 -10.23 -2.19
C GLN A 39 -12.58 -9.95 -1.78
N ASN A 40 -12.21 -8.66 -1.76
CA ASN A 40 -10.95 -8.23 -1.16
C ASN A 40 -11.17 -7.83 0.29
N GLY A 41 -10.15 -8.00 1.11
CA GLY A 41 -10.28 -7.75 2.53
C GLY A 41 -11.08 -8.81 3.26
N ARG A 42 -10.91 -10.06 2.84
CA ARG A 42 -11.66 -11.19 3.40
C ARG A 42 -10.68 -12.23 3.91
N CYS A 43 -10.77 -12.48 5.21
CA CYS A 43 -9.85 -13.36 5.92
C CYS A 43 -10.51 -13.76 7.21
N THR A 44 -10.37 -15.03 7.58
CA THR A 44 -10.86 -15.48 8.87
C THR A 44 -9.89 -15.05 9.98
N THR A 45 -10.37 -15.03 11.24
CA THR A 45 -9.50 -14.61 12.33
C THR A 45 -8.32 -15.56 12.54
N ASP A 46 -8.46 -16.82 12.11
CA ASP A 46 -7.36 -17.77 12.21
C ASP A 46 -6.54 -17.84 10.93
N GLY A 47 -6.74 -16.88 10.03
CA GLY A 47 -5.78 -16.62 8.97
C GLY A 47 -5.99 -17.30 7.63
N VAL A 48 -7.23 -17.69 7.34
CA VAL A 48 -7.57 -18.28 6.05
C VAL A 48 -8.04 -17.17 5.14
N LEU A 49 -7.30 -16.93 4.06
CA LEU A 49 -7.67 -15.90 3.07
C LEU A 49 -8.88 -16.39 2.27
N LEU A 50 -9.75 -15.46 1.92
CA LEU A 50 -10.99 -15.79 1.24
C LEU A 50 -11.16 -14.92 0.00
N GLY A 51 -12.07 -15.32 -0.87
CA GLY A 51 -12.36 -14.52 -2.05
C GLY A 51 -11.16 -14.31 -2.94
N THR A 52 -10.88 -13.05 -3.26
CA THR A 52 -9.72 -12.69 -4.06
C THR A 52 -8.65 -12.01 -3.20
N THR A 53 -8.67 -12.26 -1.90
CA THR A 53 -7.79 -11.53 -1.00
C THR A 53 -6.35 -12.04 -1.04
N GLN A 54 -5.43 -11.10 -1.17
CA GLN A 54 -4.00 -11.35 -1.04
C GLN A 54 -3.43 -10.39 0.02
N LEU A 55 -2.10 -10.35 0.16
CA LEU A 55 -1.51 -9.86 1.40
C LEU A 55 -1.06 -8.40 1.41
N SER A 56 -0.93 -7.75 0.27
CA SER A 56 -0.51 -6.35 0.33
C SER A 56 -1.44 -5.38 -0.36
N ALA A 57 -1.63 -4.22 0.25
CA ALA A 57 -2.54 -3.24 -0.33
C ALA A 57 -2.03 -2.70 -1.65
N VAL A 58 -0.72 -2.70 -1.86
CA VAL A 58 -0.21 -2.08 -3.08
C VAL A 58 -0.50 -2.90 -4.34
N ASN A 59 -1.01 -4.13 -4.19
CA ASN A 59 -1.35 -4.97 -5.33
C ASN A 59 -2.84 -4.93 -5.71
N ILE A 60 -3.64 -4.25 -4.92
CA ILE A 60 -5.08 -4.30 -5.11
C ILE A 60 -5.49 -3.45 -6.31
N CYS A 61 -6.30 -4.02 -7.19
CA CYS A 61 -6.76 -3.34 -8.41
C CYS A 61 -5.61 -2.98 -9.35
N ASN A 62 -4.46 -3.64 -9.18
CA ASN A 62 -3.37 -3.58 -10.16
C ASN A 62 -3.59 -4.67 -11.20
N PHE A 63 -3.09 -4.46 -12.41
CA PHE A 63 -3.13 -5.51 -13.43
C PHE A 63 -1.79 -5.54 -14.15
N ARG A 64 -1.37 -6.74 -14.54
CA ARG A 64 -0.15 -6.92 -15.32
C ARG A 64 -0.37 -7.89 -16.46
N GLY A 65 0.36 -7.68 -17.56
CA GLY A 65 0.35 -8.60 -18.67
C GLY A 65 0.87 -7.94 -19.91
N ASP A 66 0.63 -8.60 -21.06
CA ASP A 66 0.90 -7.99 -22.36
C ASP A 66 -0.38 -7.41 -22.90
N VAL A 67 -0.26 -6.43 -23.78
CA VAL A 67 -1.43 -5.76 -24.34
C VAL A 67 -1.45 -5.80 -25.86
N THR A 68 -2.67 -5.84 -26.39
CA THR A 68 -2.91 -5.77 -27.82
C THR A 68 -4.04 -4.77 -28.07
N ARG A 69 -3.87 -3.96 -29.11
CA ARG A 69 -4.85 -2.95 -29.43
C ARG A 69 -6.13 -3.61 -29.96
N VAL A 70 -7.27 -3.05 -29.58
CA VAL A 70 -8.56 -3.48 -30.12
C VAL A 70 -8.76 -2.72 -31.42
N GLY A 71 -8.67 -3.45 -32.54
CA GLY A 71 -8.75 -2.82 -33.84
C GLY A 71 -7.68 -1.75 -33.97
N ILE A 72 -8.06 -0.55 -34.43
CA ILE A 72 -7.15 0.59 -34.43
C ILE A 72 -7.61 1.67 -33.44
N SER A 73 -8.42 1.25 -32.46
CA SER A 73 -8.99 2.15 -31.47
C SER A 73 -7.99 2.53 -30.36
N HIS A 74 -8.48 3.26 -29.37
CA HIS A 74 -7.70 3.61 -28.18
C HIS A 74 -7.83 2.55 -27.07
N ASP A 75 -8.56 1.47 -27.32
CA ASP A 75 -8.71 0.40 -26.34
C ASP A 75 -7.66 -0.68 -26.52
N TYR A 76 -7.24 -1.28 -25.40
CA TYR A 76 -6.26 -2.35 -25.37
C TYR A 76 -6.75 -3.48 -24.48
N THR A 77 -6.56 -4.71 -24.97
CA THR A 77 -6.79 -5.92 -24.19
C THR A 77 -5.52 -6.29 -23.48
N MET A 78 -5.62 -6.60 -22.18
CA MET A 78 -4.49 -7.11 -21.43
C MET A 78 -4.70 -8.59 -21.11
N ASN A 79 -3.75 -9.41 -21.53
CA ASN A 79 -3.70 -10.81 -21.19
C ASN A 79 -2.98 -10.94 -19.85
N LEU A 80 -3.76 -11.21 -18.81
CA LEU A 80 -3.27 -11.11 -17.44
C LEU A 80 -2.26 -12.17 -17.06
N VAL A 81 -1.26 -11.72 -16.31
CA VAL A 81 -0.30 -12.58 -15.63
C VAL A 81 -0.33 -12.24 -14.14
N SER A 82 0.45 -12.96 -13.35
CA SER A 82 0.45 -12.77 -11.91
C SER A 82 1.29 -11.56 -11.52
N GLN A 83 1.25 -11.26 -10.23
CA GLN A 83 2.02 -10.17 -9.64
C GLN A 83 3.49 -10.17 -10.06
N ASN A 84 4.08 -11.35 -10.21
CA ASN A 84 5.49 -11.46 -10.58
C ASN A 84 5.69 -11.94 -12.01
N TRP A 85 4.67 -11.75 -12.84
CA TRP A 85 4.72 -11.93 -14.30
C TRP A 85 4.60 -13.37 -14.75
N ASN A 86 4.25 -14.25 -13.82
CA ASN A 86 4.06 -15.66 -14.13
C ASN A 86 2.59 -15.99 -14.39
N ASN A 87 2.30 -17.27 -14.60
CA ASN A 87 0.98 -17.65 -15.08
C ASN A 87 -0.14 -17.39 -14.09
N TYR A 88 -1.26 -16.92 -14.61
CA TYR A 88 -2.53 -16.99 -13.89
C TYR A 88 -3.26 -18.21 -14.40
N ASP A 89 -3.71 -19.05 -13.48
CA ASP A 89 -4.41 -20.29 -13.79
C ASP A 89 -5.91 -20.10 -13.56
N PRO A 90 -6.69 -19.96 -14.64
CA PRO A 90 -8.14 -19.77 -14.46
C PRO A 90 -8.85 -20.95 -13.78
N THR A 91 -8.21 -22.11 -13.69
CA THR A 91 -8.84 -23.25 -13.02
C THR A 91 -8.67 -23.24 -11.51
N GLU A 92 -7.82 -22.36 -10.97
CA GLU A 92 -7.72 -22.25 -9.53
C GLU A 92 -9.07 -21.81 -9.00
N GLU A 93 -9.50 -22.39 -7.88
CA GLU A 93 -10.84 -22.14 -7.36
C GLU A 93 -10.92 -20.85 -6.54
N ILE A 94 -10.67 -19.76 -7.24
CA ILE A 94 -10.87 -18.42 -6.72
C ILE A 94 -11.76 -17.68 -7.75
N PRO A 95 -12.41 -16.58 -7.35
CA PRO A 95 -13.35 -15.94 -8.28
C PRO A 95 -12.70 -15.31 -9.50
N ALA A 96 -11.44 -14.95 -9.35
CA ALA A 96 -10.69 -14.15 -10.31
C ALA A 96 -9.30 -14.03 -9.70
N PRO A 97 -8.33 -13.49 -10.43
CA PRO A 97 -7.00 -13.31 -9.81
C PRO A 97 -7.07 -12.55 -8.49
N LEU A 98 -6.17 -12.90 -7.58
CA LEU A 98 -6.14 -12.22 -6.29
C LEU A 98 -5.88 -10.73 -6.56
N GLY A 99 -6.63 -9.89 -5.85
CA GLY A 99 -6.52 -8.45 -6.02
C GLY A 99 -7.44 -7.82 -7.07
N THR A 100 -8.14 -8.63 -7.84
CA THR A 100 -9.10 -8.12 -8.83
C THR A 100 -10.11 -7.17 -8.19
N PRO A 101 -10.47 -6.06 -8.86
CA PRO A 101 -11.52 -5.20 -8.29
C PRO A 101 -12.79 -5.99 -7.96
N ASP A 102 -13.42 -5.65 -6.84
CA ASP A 102 -14.63 -6.32 -6.36
C ASP A 102 -15.81 -5.36 -6.31
N PHE A 103 -15.86 -4.43 -7.26
CA PHE A 103 -17.00 -3.55 -7.40
C PHE A 103 -17.16 -3.18 -8.84
N VAL A 104 -18.39 -2.82 -9.22
CA VAL A 104 -18.69 -2.33 -10.55
C VAL A 104 -18.40 -0.83 -10.59
N GLY A 105 -17.46 -0.45 -11.44
CA GLY A 105 -17.07 0.93 -11.56
C GLY A 105 -15.98 1.08 -12.60
N LYS A 106 -15.72 2.32 -12.93
CA LYS A 106 -14.71 2.67 -13.91
C LYS A 106 -13.51 3.20 -13.14
N ILE A 107 -12.44 2.42 -13.15
CA ILE A 107 -11.23 2.73 -12.41
C ILE A 107 -10.22 3.33 -13.36
N GLN A 108 -9.75 4.53 -13.04
CA GLN A 108 -8.77 5.22 -13.85
C GLN A 108 -7.41 5.19 -13.15
N GLY A 109 -6.37 5.17 -13.98
CA GLY A 109 -5.00 5.11 -13.51
C GLY A 109 -4.07 5.33 -14.68
N LEU A 110 -2.83 4.85 -14.55
CA LEU A 110 -1.89 4.88 -15.66
C LEU A 110 -1.52 3.47 -16.04
N LEU A 111 -1.52 3.24 -17.35
CA LEU A 111 -1.00 2.03 -17.94
C LEU A 111 0.43 2.32 -18.37
N THR A 112 1.38 1.57 -17.82
CA THR A 112 2.80 1.80 -18.07
C THR A 112 3.40 0.58 -18.75
N GLN A 113 4.48 0.81 -19.49
CA GLN A 113 5.11 -0.26 -20.22
C GLN A 113 6.60 -0.04 -20.35
N THR A 114 7.35 -1.13 -20.31
CA THR A 114 8.78 -1.12 -20.64
C THR A 114 9.04 -2.01 -21.82
N THR A 115 9.87 -1.53 -22.74
CA THR A 115 10.36 -2.36 -23.83
C THR A 115 11.64 -3.03 -23.35
N ARG A 116 11.61 -4.35 -23.21
CA ARG A 116 12.73 -5.00 -22.54
C ARG A 116 14.07 -4.87 -23.26
N ALA A 117 14.05 -4.85 -24.59
CA ALA A 117 15.25 -4.76 -25.41
C ALA A 117 16.09 -3.52 -25.17
N ASP A 118 15.47 -2.37 -24.91
CA ASP A 118 16.23 -1.11 -24.78
C ASP A 118 15.91 -0.27 -23.54
N GLY A 119 14.98 -0.73 -22.70
CA GLY A 119 14.67 -0.03 -21.47
C GLY A 119 13.86 1.25 -21.68
N SER A 120 13.29 1.41 -22.88
CA SER A 120 12.41 2.54 -23.13
C SER A 120 11.08 2.30 -22.42
N THR A 121 10.45 3.39 -22.01
CA THR A 121 9.25 3.31 -21.19
C THR A 121 8.21 4.32 -21.63
N ARG A 122 6.99 4.12 -21.16
CA ARG A 122 5.86 4.94 -21.58
C ARG A 122 4.71 4.77 -20.61
N ALA A 123 3.82 5.77 -20.58
CA ALA A 123 2.67 5.77 -19.69
C ALA A 123 1.53 6.54 -20.32
N HIS A 124 0.32 5.99 -20.16
CA HIS A 124 -0.89 6.59 -20.69
C HIS A 124 -2.03 6.50 -19.71
N LYS A 125 -2.85 7.55 -19.63
CA LYS A 125 -4.05 7.50 -18.82
C LYS A 125 -4.93 6.40 -19.37
N ALA A 126 -5.54 5.64 -18.47
CA ALA A 126 -6.29 4.47 -18.85
C ALA A 126 -7.39 4.21 -17.84
N THR A 127 -8.50 3.67 -18.33
CA THR A 127 -9.62 3.31 -17.48
C THR A 127 -10.04 1.89 -17.77
N VAL A 128 -10.34 1.15 -16.70
CA VAL A 128 -10.95 -0.18 -16.83
C VAL A 128 -12.36 -0.10 -16.27
N SER A 129 -13.33 -0.42 -17.12
CA SER A 129 -14.73 -0.44 -16.71
C SER A 129 -15.06 -1.86 -16.27
N THR A 130 -15.24 -2.06 -14.97
CA THR A 130 -15.43 -3.42 -14.49
C THR A 130 -16.84 -3.96 -14.75
N GLY A 131 -17.77 -3.08 -15.15
CA GLY A 131 -19.09 -3.50 -15.59
C GLY A 131 -19.17 -3.86 -17.07
N SER A 132 -18.07 -3.66 -17.80
CA SER A 132 -18.03 -3.93 -19.24
C SER A 132 -18.09 -5.41 -19.52
N VAL A 133 -18.69 -5.79 -20.65
CA VAL A 133 -18.65 -7.19 -21.07
C VAL A 133 -17.22 -7.66 -21.31
N HIS A 134 -16.28 -6.74 -21.50
CA HIS A 134 -14.89 -7.13 -21.72
C HIS A 134 -14.08 -7.23 -20.44
N PHE A 135 -14.72 -6.99 -19.29
CA PHE A 135 -14.07 -7.23 -18.01
C PHE A 135 -14.22 -8.70 -17.67
N THR A 136 -13.21 -9.48 -18.03
CA THR A 136 -13.27 -10.93 -17.90
C THR A 136 -12.01 -11.48 -17.23
N PRO A 137 -11.68 -10.95 -16.05
CA PRO A 137 -10.42 -11.37 -15.44
C PRO A 137 -10.36 -12.87 -15.13
N LYS A 138 -11.48 -13.50 -14.81
CA LYS A 138 -11.51 -14.94 -14.55
C LYS A 138 -11.23 -15.76 -15.83
N LEU A 139 -11.42 -15.15 -17.00
CA LEU A 139 -11.04 -15.74 -18.28
C LEU A 139 -9.61 -15.40 -18.63
N GLY A 140 -9.01 -14.50 -17.87
CA GLY A 140 -7.62 -14.12 -18.10
C GLY A 140 -7.40 -12.83 -18.88
N SER A 141 -8.42 -12.00 -19.07
CA SER A 141 -8.23 -10.73 -19.77
C SER A 141 -9.15 -9.63 -19.29
N VAL A 142 -8.68 -8.39 -19.41
CA VAL A 142 -9.52 -7.21 -19.23
C VAL A 142 -9.21 -6.22 -20.34
N GLN A 143 -10.10 -5.25 -20.53
CA GLN A 143 -9.92 -4.26 -21.58
C GLN A 143 -9.80 -2.87 -20.96
N PHE A 144 -8.86 -2.07 -21.45
CA PHE A 144 -8.69 -0.69 -21.01
C PHE A 144 -9.01 0.27 -22.14
N THR A 145 -9.62 1.41 -21.81
CA THR A 145 -9.67 2.55 -22.72
C THR A 145 -8.53 3.47 -22.34
N THR A 146 -7.72 3.87 -23.31
CA THR A 146 -6.54 4.66 -23.03
C THR A 146 -6.54 5.95 -23.86
N ASP A 147 -5.55 6.80 -23.58
CA ASP A 147 -5.39 8.05 -24.32
C ASP A 147 -4.48 7.93 -25.54
N THR A 148 -4.15 6.69 -25.92
CA THR A 148 -3.35 6.46 -27.14
C THR A 148 -4.01 5.42 -28.02
N ASN A 149 -3.77 5.54 -29.33
CA ASN A 149 -4.18 4.48 -30.25
C ASN A 149 -2.99 3.89 -30.98
N ASN A 150 -1.77 4.11 -30.47
CA ASN A 150 -0.59 3.56 -31.14
C ASN A 150 0.70 3.41 -30.33
N ASP A 151 0.75 3.87 -29.09
CA ASP A 151 2.04 3.92 -28.40
C ASP A 151 2.43 2.62 -27.67
N PHE A 152 1.45 1.79 -27.33
CA PHE A 152 1.77 0.52 -26.65
C PHE A 152 2.19 -0.59 -27.58
N GLN A 153 3.28 -1.25 -27.25
CA GLN A 153 3.85 -2.33 -28.05
C GLN A 153 3.32 -3.68 -27.59
N THR A 154 3.35 -4.65 -28.50
CA THR A 154 2.95 -6.02 -28.18
C THR A 154 4.12 -6.76 -27.56
N GLY A 155 3.80 -7.77 -26.76
CA GLY A 155 4.80 -8.65 -26.19
C GLY A 155 5.70 -8.00 -25.16
N GLN A 156 5.28 -6.88 -24.59
CA GLN A 156 6.06 -6.16 -23.58
C GLN A 156 5.30 -6.05 -22.25
N ASN A 157 6.02 -6.19 -21.15
CA ASN A 157 5.43 -6.07 -19.81
C ASN A 157 4.73 -4.74 -19.62
N THR A 158 3.46 -4.83 -19.22
CA THR A 158 2.58 -3.68 -19.08
C THR A 158 1.88 -3.79 -17.74
N LYS A 159 1.76 -2.67 -17.04
CA LYS A 159 1.14 -2.62 -15.72
C LYS A 159 0.11 -1.52 -15.66
N PHE A 160 -1.03 -1.82 -15.04
CA PHE A 160 -1.98 -0.78 -14.67
C PHE A 160 -1.86 -0.50 -13.19
N THR A 161 -1.61 0.76 -12.88
CA THR A 161 -1.63 1.23 -11.51
C THR A 161 -2.90 2.06 -11.32
N PRO A 162 -3.78 1.63 -10.40
CA PRO A 162 -5.03 2.34 -10.19
C PRO A 162 -4.82 3.63 -9.42
N VAL A 163 -5.65 4.63 -9.68
CA VAL A 163 -5.63 5.89 -8.94
C VAL A 163 -6.97 6.21 -8.31
N GLY A 164 -8.05 6.09 -9.08
CA GLY A 164 -9.36 6.49 -8.60
C GLY A 164 -10.45 6.06 -9.54
N VAL A 165 -11.60 6.70 -9.43
CA VAL A 165 -12.78 6.29 -10.16
C VAL A 165 -13.42 7.46 -10.91
N ILE A 166 -14.14 7.13 -11.98
CA ILE A 166 -14.87 8.14 -12.76
C ILE A 166 -16.35 7.82 -12.81
N GLN A 167 -17.12 8.82 -13.23
CA GLN A 167 -18.54 8.66 -13.43
C GLN A 167 -18.97 9.40 -14.68
N ASP A 168 -20.08 8.93 -15.26
CA ASP A 168 -20.77 9.52 -16.41
C ASP A 168 -22.28 9.51 -16.16
N GLY A 169 -22.98 10.58 -16.53
CA GLY A 169 -24.43 10.63 -16.48
C GLY A 169 -24.97 11.73 -15.60
N HIS A 172 -25.98 11.87 -10.55
CA HIS A 172 -24.68 12.04 -9.91
C HIS A 172 -24.51 11.00 -8.81
N GLN A 173 -23.27 10.56 -8.64
CA GLN A 173 -22.91 9.50 -7.69
C GLN A 173 -23.63 8.16 -7.95
N ASN A 174 -24.03 7.90 -9.20
CA ASN A 174 -24.65 6.62 -9.57
C ASN A 174 -23.67 5.45 -9.75
N GLU A 175 -22.40 5.78 -9.94
CA GLU A 175 -21.34 4.78 -10.03
C GLU A 175 -20.10 5.40 -9.40
N PRO A 176 -19.15 4.56 -8.97
CA PRO A 176 -19.21 3.11 -8.83
C PRO A 176 -20.33 2.64 -7.91
N GLN A 177 -20.56 1.34 -7.95
CA GLN A 177 -21.48 0.65 -7.06
CA GLN A 177 -21.47 0.66 -7.05
C GLN A 177 -20.63 -0.30 -6.22
N GLN A 178 -20.24 0.13 -5.02
CA GLN A 178 -19.25 -0.61 -4.27
C GLN A 178 -19.71 -1.96 -3.77
N TRP A 179 -21.02 -2.19 -3.71
CA TRP A 179 -21.53 -3.47 -3.23
C TRP A 179 -22.08 -4.38 -4.31
N VAL A 180 -21.87 -4.01 -5.57
CA VAL A 180 -22.25 -4.88 -6.68
C VAL A 180 -20.96 -5.47 -7.26
N LEU A 181 -20.80 -6.79 -7.17
CA LEU A 181 -19.63 -7.44 -7.73
C LEU A 181 -19.70 -7.40 -9.26
N PRO A 182 -18.56 -7.20 -9.91
CA PRO A 182 -18.55 -7.39 -11.35
C PRO A 182 -18.78 -8.86 -11.68
N ASN A 183 -19.10 -9.12 -12.94
CA ASN A 183 -19.11 -10.48 -13.45
C ASN A 183 -17.73 -10.81 -13.91
N TYR A 184 -17.02 -11.61 -13.11
CA TYR A 184 -15.61 -11.89 -13.37
C TYR A 184 -15.37 -12.62 -14.69
N SER A 185 -16.39 -13.31 -15.18
CA SER A 185 -16.32 -13.99 -16.47
C SER A 185 -17.20 -13.33 -17.52
N GLY A 186 -17.63 -12.11 -17.28
CA GLY A 186 -18.47 -11.44 -18.26
C GLY A 186 -19.78 -12.18 -18.45
N THR A 187 -20.29 -12.19 -19.69
CA THR A 187 -21.55 -12.87 -20.00
C THR A 187 -21.39 -14.39 -20.10
N SER A 188 -20.15 -14.87 -20.06
CA SER A 188 -19.88 -16.28 -20.33
C SER A 188 -20.11 -17.21 -19.16
N GLY A 189 -20.23 -16.65 -17.95
CA GLY A 189 -20.45 -17.50 -16.80
C GLY A 189 -20.71 -16.69 -15.56
N HIS A 190 -21.25 -17.36 -14.55
CA HIS A 190 -21.56 -16.74 -13.27
C HIS A 190 -20.37 -16.74 -12.35
N ASN A 191 -20.39 -15.83 -11.39
CA ASN A 191 -19.32 -15.74 -10.41
C ASN A 191 -19.27 -17.00 -9.55
N VAL A 192 -18.07 -17.47 -9.24
CA VAL A 192 -17.86 -18.68 -8.47
C VAL A 192 -16.80 -18.47 -7.37
N HIS A 193 -16.88 -19.31 -6.34
CA HIS A 193 -15.88 -19.36 -5.26
C HIS A 193 -15.82 -18.07 -4.44
N LEU A 194 -16.96 -17.42 -4.26
CA LEU A 194 -16.98 -16.16 -3.56
C LEU A 194 -16.91 -16.30 -2.04
N ALA A 195 -16.19 -15.37 -1.40
CA ALA A 195 -16.32 -15.20 0.04
C ALA A 195 -17.80 -14.91 0.33
N PRO A 196 -18.32 -15.41 1.46
CA PRO A 196 -19.76 -15.30 1.67
C PRO A 196 -20.26 -13.89 1.88
N ALA A 197 -21.54 -13.69 1.59
CA ALA A 197 -22.20 -12.45 1.95
C ALA A 197 -22.25 -12.36 3.46
N VAL A 198 -22.18 -11.13 3.96
CA VAL A 198 -22.19 -10.93 5.40
CA VAL A 198 -22.10 -10.83 5.38
C VAL A 198 -23.35 -10.07 5.84
N ALA A 199 -23.82 -10.37 7.04
CA ALA A 199 -24.94 -9.65 7.64
C ALA A 199 -24.94 -9.84 9.14
N PRO A 200 -25.37 -8.83 9.88
CA PRO A 200 -25.58 -9.06 11.31
C PRO A 200 -26.71 -10.07 11.51
N THR A 201 -26.57 -10.94 12.49
CA THR A 201 -27.63 -11.89 12.80
C THR A 201 -28.30 -11.64 14.15
N PHE A 202 -27.69 -10.80 14.97
CA PHE A 202 -28.18 -10.55 16.33
C PHE A 202 -28.97 -9.24 16.31
N PRO A 203 -30.17 -9.23 16.88
CA PRO A 203 -30.95 -7.98 16.84
C PRO A 203 -30.24 -6.78 17.43
N GLY A 204 -30.40 -5.64 16.78
CA GLY A 204 -29.82 -4.40 17.22
C GLY A 204 -28.42 -4.15 16.71
N GLU A 205 -27.88 -5.09 15.94
CA GLU A 205 -26.53 -4.96 15.42
C GLU A 205 -26.46 -4.52 13.96
N GLN A 206 -25.37 -3.85 13.63
CA GLN A 206 -25.03 -3.45 12.27
C GLN A 206 -23.56 -3.77 12.01
N LEU A 207 -23.21 -3.94 10.75
CA LEU A 207 -21.81 -4.02 10.39
C LEU A 207 -21.07 -2.73 10.72
N LEU A 208 -19.79 -2.88 11.05
CA LEU A 208 -18.87 -1.76 11.17
C LEU A 208 -17.95 -1.80 9.98
N PHE A 209 -17.82 -0.66 9.31
CA PHE A 209 -17.04 -0.53 8.10
C PHE A 209 -15.82 0.34 8.31
N PHE A 210 -14.72 -0.05 7.69
CA PHE A 210 -13.50 0.72 7.66
C PHE A 210 -13.52 1.48 6.33
N ARG A 211 -13.62 2.80 6.41
CA ARG A 211 -13.98 3.63 5.26
C ARG A 211 -12.83 4.49 4.74
N SER A 212 -12.75 4.55 3.42
CA SER A 212 -11.88 5.48 2.69
C SER A 212 -12.70 6.20 1.62
N THR A 213 -12.09 7.22 1.04
CA THR A 213 -12.66 7.96 -0.08
C THR A 213 -11.75 7.74 -1.29
N MET A 214 -12.24 7.06 -2.31
CA MET A 214 -11.45 6.87 -3.52
C MET A 214 -11.31 8.21 -4.23
N PRO A 215 -10.10 8.53 -4.71
CA PRO A 215 -9.99 9.72 -5.54
C PRO A 215 -10.95 9.68 -6.72
N GLY A 216 -11.52 10.83 -7.06
CA GLY A 216 -12.34 10.96 -8.23
C GLY A 216 -11.54 11.55 -9.37
N CYS A 217 -11.73 10.98 -10.57
CA CYS A 217 -10.91 11.34 -11.71
C CYS A 217 -11.66 12.02 -12.83
N SER A 218 -13.00 11.99 -12.80
CA SER A 218 -13.83 12.66 -13.80
C SER A 218 -15.29 12.47 -13.41
N GLY A 219 -16.11 13.47 -13.73
CA GLY A 219 -17.53 13.37 -13.46
C GLY A 219 -17.85 13.47 -11.98
N TYR A 220 -18.91 12.79 -11.57
CA TYR A 220 -19.49 12.90 -10.23
C TYR A 220 -19.62 11.51 -9.61
N PRO A 221 -18.47 10.88 -9.30
CA PRO A 221 -18.52 9.51 -8.81
C PRO A 221 -18.92 9.39 -7.36
N ASN A 222 -19.46 8.24 -7.00
CA ASN A 222 -19.59 7.86 -5.59
C ASN A 222 -18.25 7.34 -5.11
N MET A 223 -17.60 8.09 -4.24
CA MET A 223 -16.23 7.78 -3.87
C MET A 223 -16.10 6.99 -2.55
N ASN A 224 -17.20 6.69 -1.86
CA ASN A 224 -17.09 5.90 -0.63
C ASN A 224 -16.62 4.49 -0.90
N LEU A 225 -15.68 4.02 -0.10
CA LEU A 225 -15.22 2.64 -0.19
C LEU A 225 -15.03 2.05 1.20
N ASP A 226 -15.87 1.08 1.52
CA ASP A 226 -15.88 0.45 2.81
C ASP A 226 -15.32 -0.96 2.75
N CYS A 227 -14.42 -1.28 3.66
CA CYS A 227 -13.92 -2.64 3.76
C CYS A 227 -14.29 -3.23 5.12
N LEU A 228 -14.30 -4.55 5.18
CA LEU A 228 -14.66 -5.24 6.42
C LEU A 228 -13.50 -5.44 7.39
N LEU A 229 -12.28 -5.45 6.86
CA LEU A 229 -11.06 -5.61 7.66
C LEU A 229 -9.99 -4.73 7.05
N PRO A 230 -9.21 -4.02 7.88
CA PRO A 230 -8.04 -3.33 7.31
C PRO A 230 -7.07 -4.34 6.68
N GLN A 231 -6.32 -3.93 5.67
CA GLN A 231 -5.35 -4.82 5.07
C GLN A 231 -4.36 -5.36 6.11
N GLU A 232 -3.97 -4.52 7.08
CA GLU A 232 -3.03 -4.92 8.10
C GLU A 232 -3.58 -6.00 9.02
N TRP A 233 -4.91 -6.08 9.13
CA TRP A 233 -5.54 -7.15 9.90
C TRP A 233 -5.48 -8.47 9.12
N VAL A 234 -5.76 -8.41 7.82
CA VAL A 234 -5.60 -9.58 6.97
C VAL A 234 -4.19 -10.14 7.13
N SER A 235 -3.18 -9.29 6.99
CA SER A 235 -1.82 -9.81 7.07
CA SER A 235 -1.81 -9.75 7.09
C SER A 235 -1.48 -10.33 8.47
N HIS A 236 -2.01 -9.69 9.51
CA HIS A 236 -1.79 -10.13 10.88
C HIS A 236 -2.38 -11.53 11.11
N PHE A 237 -3.64 -11.72 10.74
CA PHE A 237 -4.29 -13.00 10.95
C PHE A 237 -3.61 -14.10 10.13
N TYR A 238 -3.27 -13.80 8.88
CA TYR A 238 -2.58 -14.76 8.04
C TYR A 238 -1.30 -15.26 8.69
N GLN A 239 -0.52 -14.35 9.26
CA GLN A 239 0.74 -14.73 9.90
C GLN A 239 0.54 -15.42 11.24
N GLU A 240 -0.34 -14.88 12.08
CA GLU A 240 -0.49 -15.41 13.42
C GLU A 240 -1.20 -16.76 13.43
N ALA A 241 -2.28 -16.86 12.66
CA ALA A 241 -3.05 -18.08 12.55
C ALA A 241 -3.41 -18.60 13.94
N ALA A 242 -3.83 -17.68 14.81
CA ALA A 242 -4.24 -18.04 16.15
C ALA A 242 -5.60 -18.70 16.10
N PRO A 243 -5.74 -19.88 16.74
CA PRO A 243 -7.04 -20.55 16.69
C PRO A 243 -8.17 -19.75 17.32
N ALA A 244 -9.35 -19.81 16.71
CA ALA A 244 -10.53 -19.16 17.27
C ALA A 244 -11.11 -20.06 18.34
N GLN A 245 -11.30 -19.55 19.54
CA GLN A 245 -11.83 -20.35 20.64
CA GLN A 245 -11.83 -20.37 20.62
C GLN A 245 -13.36 -20.33 20.67
N SER A 246 -13.95 -19.42 19.93
CA SER A 246 -15.40 -19.37 19.71
C SER A 246 -15.63 -18.71 18.36
N ASP A 247 -16.89 -18.47 18.01
CA ASP A 247 -17.20 -17.83 16.73
C ASP A 247 -17.16 -16.31 16.78
N VAL A 248 -17.01 -15.74 17.97
CA VAL A 248 -17.02 -14.29 18.15
C VAL A 248 -15.96 -13.81 19.14
N ALA A 249 -15.09 -12.91 18.66
CA ALA A 249 -14.07 -12.25 19.46
C ALA A 249 -14.58 -10.87 19.88
N LEU A 250 -14.59 -10.61 21.17
CA LEU A 250 -15.01 -9.33 21.70
C LEU A 250 -13.83 -8.38 21.67
N LEU A 251 -13.99 -7.28 20.94
CA LEU A 251 -12.99 -6.22 20.89
C LEU A 251 -13.49 -4.97 21.59
N ARG A 252 -12.57 -4.30 22.26
CA ARG A 252 -12.82 -2.98 22.82
C ARG A 252 -11.97 -1.98 22.06
N PHE A 253 -12.58 -0.86 21.69
CA PHE A 253 -11.86 0.23 21.05
C PHE A 253 -11.50 1.20 22.16
N VAL A 254 -10.20 1.36 22.40
CA VAL A 254 -9.68 2.05 23.57
CA VAL A 254 -9.73 2.08 23.57
C VAL A 254 -8.95 3.34 23.22
N ASN A 255 -9.12 4.35 24.05
CA ASN A 255 -8.33 5.57 23.95
C ASN A 255 -7.19 5.44 24.94
N PRO A 256 -5.96 5.20 24.45
CA PRO A 256 -4.87 5.01 25.43
C PRO A 256 -4.51 6.29 26.19
N ASP A 257 -5.01 7.45 25.76
CA ASP A 257 -4.74 8.68 26.50
C ASP A 257 -5.39 8.61 27.88
N THR A 258 -6.47 7.84 27.99
CA THR A 258 -7.30 7.82 29.20
C THR A 258 -7.53 6.40 29.75
N GLY A 259 -7.20 5.41 28.93
CA GLY A 259 -7.48 4.02 29.26
C GLY A 259 -8.95 3.68 29.08
N ARG A 260 -9.76 4.66 28.69
CA ARG A 260 -11.20 4.46 28.59
C ARG A 260 -11.62 3.75 27.29
N VAL A 261 -12.57 2.85 27.42
CA VAL A 261 -13.19 2.19 26.27
C VAL A 261 -14.22 3.11 25.65
N LEU A 262 -14.08 3.34 24.35
CA LEU A 262 -15.02 4.17 23.60
CA LEU A 262 -15.03 4.16 23.61
C LEU A 262 -16.24 3.36 23.17
N PHE A 263 -15.99 2.15 22.67
CA PHE A 263 -17.08 1.24 22.32
C PHE A 263 -16.52 -0.18 22.26
N GLU A 264 -17.42 -1.16 22.25
CA GLU A 264 -17.03 -2.54 22.04
C GLU A 264 -17.75 -3.07 20.82
N CYS A 265 -17.19 -4.14 20.25
CA CYS A 265 -17.73 -4.68 19.01
C CYS A 265 -17.40 -6.16 18.94
N LYS A 266 -18.07 -6.85 18.02
CA LYS A 266 -17.86 -8.28 17.82
C LYS A 266 -17.08 -8.49 16.53
N LEU A 267 -15.93 -9.13 16.62
CA LEU A 267 -15.19 -9.57 15.46
C LEU A 267 -15.54 -11.04 15.23
N HIS A 268 -16.30 -11.29 14.18
CA HIS A 268 -16.73 -12.64 13.86
C HIS A 268 -15.58 -13.41 13.28
N LYS A 269 -15.50 -14.69 13.64
CA LYS A 269 -14.41 -15.56 13.21
C LYS A 269 -14.25 -15.55 11.71
N SER A 270 -15.34 -15.45 10.97
CA SER A 270 -15.25 -15.49 9.51
C SER A 270 -14.81 -14.16 8.90
N GLY A 271 -14.58 -13.14 9.73
CA GLY A 271 -13.82 -11.96 9.32
C GLY A 271 -14.62 -10.71 9.02
N TYR A 272 -15.44 -10.25 9.98
CA TYR A 272 -16.12 -8.96 9.88
C TYR A 272 -16.56 -8.55 11.27
N ILE A 273 -16.94 -7.28 11.43
CA ILE A 273 -17.26 -6.71 12.72
C ILE A 273 -18.68 -6.20 12.77
N THR A 274 -19.36 -6.45 13.89
CA THR A 274 -20.62 -5.77 14.17
C THR A 274 -20.57 -4.94 15.46
N VAL A 275 -21.43 -3.92 15.51
CA VAL A 275 -21.63 -3.04 16.65
C VAL A 275 -23.12 -2.97 16.97
N ALA A 276 -23.44 -2.61 18.21
CA ALA A 276 -24.85 -2.42 18.59
C ALA A 276 -25.24 -0.97 18.31
N HIS A 277 -25.89 -0.77 17.17
CA HIS A 277 -26.35 0.55 16.78
C HIS A 277 -27.41 0.39 15.70
N THR A 278 -28.36 1.31 15.68
CA THR A 278 -29.34 1.42 14.62
C THR A 278 -29.24 2.80 13.96
N GLY A 279 -28.95 2.78 12.65
CA GLY A 279 -28.89 3.98 11.85
C GLY A 279 -27.50 4.25 11.31
N PRO A 280 -27.42 5.18 10.35
CA PRO A 280 -26.12 5.57 9.79
C PRO A 280 -25.37 6.40 10.82
N TYR A 281 -24.09 6.12 10.98
CA TYR A 281 -23.34 6.88 11.96
C TYR A 281 -21.86 6.92 11.60
N ASP A 282 -21.33 8.14 11.56
CA ASP A 282 -19.90 8.36 11.38
C ASP A 282 -19.26 8.36 12.76
N LEU A 283 -18.53 7.32 13.11
CA LEU A 283 -17.98 7.23 14.45
C LEU A 283 -17.02 8.37 14.71
N VAL A 284 -17.00 8.81 15.97
CA VAL A 284 -16.07 9.82 16.41
C VAL A 284 -15.02 9.15 17.28
N ILE A 285 -13.78 9.15 16.80
CA ILE A 285 -12.70 8.45 17.49
C ILE A 285 -11.50 9.35 17.67
N PRO A 286 -10.78 9.14 18.77
CA PRO A 286 -9.56 9.91 19.01
C PRO A 286 -8.43 9.39 18.12
N PRO A 287 -7.45 10.25 17.81
CA PRO A 287 -6.39 9.89 16.87
C PRO A 287 -5.52 8.71 17.31
N ASN A 288 -5.42 8.45 18.61
CA ASN A 288 -4.61 7.35 19.09
CA ASN A 288 -4.61 7.37 19.11
C ASN A 288 -5.44 6.13 19.45
N GLY A 289 -6.74 6.16 19.15
CA GLY A 289 -7.59 5.04 19.49
C GLY A 289 -7.21 3.77 18.74
N TYR A 290 -7.43 2.62 19.34
CA TYR A 290 -7.15 1.35 18.66
C TYR A 290 -7.99 0.22 19.21
N PHE A 291 -8.07 -0.89 18.47
CA PHE A 291 -8.85 -2.04 18.88
C PHE A 291 -8.01 -3.00 19.69
N ARG A 292 -8.62 -3.60 20.71
CA ARG A 292 -7.97 -4.55 21.59
C ARG A 292 -8.87 -5.77 21.77
N PHE A 293 -8.33 -6.95 21.51
CA PHE A 293 -9.07 -8.18 21.79
C PHE A 293 -9.09 -8.47 23.28
N ASP A 294 -10.28 -8.68 23.82
CA ASP A 294 -10.44 -8.94 25.25
C ASP A 294 -10.88 -10.36 25.60
N SER A 295 -11.84 -10.92 24.86
CA SER A 295 -12.26 -12.29 25.15
C SER A 295 -13.07 -12.91 24.04
N TRP A 296 -13.10 -14.24 24.06
CA TRP A 296 -13.97 -14.99 23.18
C TRP A 296 -15.34 -15.09 23.84
N VAL A 297 -16.38 -14.77 23.05
N VAL A 297 -16.39 -14.72 23.11
CA VAL A 297 -17.77 -14.83 23.48
CA VAL A 297 -17.72 -14.78 23.67
C VAL A 297 -18.61 -15.55 22.41
C VAL A 297 -18.54 -15.83 22.94
N ASN A 298 -19.91 -15.25 22.36
N ASN A 298 -19.53 -16.37 23.62
CA ASN A 298 -20.81 -15.92 21.44
CA ASN A 298 -20.41 -17.35 23.02
C ASN A 298 -21.75 -15.00 20.65
C ASN A 298 -21.31 -16.68 22.00
N GLN A 299 -22.51 -15.58 19.73
N GLN A 299 -22.30 -17.42 21.50
CA GLN A 299 -23.32 -14.80 18.79
CA GLN A 299 -23.13 -16.93 20.40
C GLN A 299 -24.47 -14.05 19.47
C GLN A 299 -24.19 -15.89 20.78
N PHE A 300 -24.79 -14.41 20.71
N PHE A 300 -24.30 -15.54 22.05
CA PHE A 300 -25.87 -13.72 21.42
CA PHE A 300 -25.33 -14.57 22.44
C PHE A 300 -25.42 -12.85 22.60
C PHE A 300 -24.88 -13.55 23.48
N TYR A 301 -24.11 -12.64 22.71
N TYR A 301 -23.89 -12.76 23.07
CA TYR A 301 -23.58 -11.70 23.68
CA TYR A 301 -23.40 -11.63 23.83
C TYR A 301 -24.07 -10.30 23.30
C TYR A 301 -24.10 -10.35 23.33
N THR A 302 -24.61 -9.56 24.26
CA THR A 302 -25.18 -8.26 23.96
C THR A 302 -24.14 -7.19 24.18
N LEU A 303 -23.76 -6.52 23.10
CA LEU A 303 -22.83 -5.42 23.18
C LEU A 303 -23.46 -4.22 23.84
N ALA A 304 -22.67 -3.49 24.62
CA ALA A 304 -23.08 -2.18 25.09
C ALA A 304 -23.33 -1.32 23.86
N PRO A 305 -24.36 -0.48 23.89
CA PRO A 305 -24.61 0.39 22.73
C PRO A 305 -23.38 1.18 22.29
N MET A 306 -23.10 1.18 21.00
CA MET A 306 -21.94 1.89 20.49
C MET A 306 -22.01 3.35 20.88
N SER B 1 11.82 -8.03 27.79
CA SER B 1 11.61 -9.47 27.90
C SER B 1 10.82 -10.02 26.71
N LYS B 2 9.97 -9.21 26.10
CA LYS B 2 9.14 -9.64 24.98
C LYS B 2 10.02 -10.18 23.85
N PRO B 3 9.84 -11.45 23.45
CA PRO B 3 10.74 -11.98 22.42
C PRO B 3 10.63 -11.27 21.09
N PHE B 4 11.78 -10.99 20.51
CA PHE B 4 11.86 -10.34 19.22
C PHE B 4 11.57 -11.33 18.11
N THR B 5 10.87 -10.85 17.08
CA THR B 5 10.57 -11.64 15.90
C THR B 5 10.56 -10.75 14.67
N VAL B 6 10.74 -11.38 13.51
CA VAL B 6 10.49 -10.72 12.24
C VAL B 6 9.28 -11.43 11.59
N PRO B 7 8.59 -10.75 10.66
CA PRO B 7 7.45 -11.39 10.01
C PRO B 7 7.83 -12.65 9.27
N ILE B 8 6.85 -13.53 9.08
CA ILE B 8 7.05 -14.77 8.31
C ILE B 8 6.62 -14.65 6.85
N LEU B 9 6.21 -13.46 6.45
CA LEU B 9 5.84 -13.23 5.06
C LEU B 9 7.01 -13.45 4.13
N THR B 10 6.72 -14.01 2.96
CA THR B 10 7.74 -14.19 1.95
C THR B 10 8.07 -12.84 1.32
N VAL B 11 9.20 -12.79 0.63
CA VAL B 11 9.63 -11.55 -0.03
C VAL B 11 8.54 -11.00 -0.95
N GLU B 12 7.95 -11.85 -1.79
CA GLU B 12 6.96 -11.37 -2.74
C GLU B 12 5.58 -11.05 -2.14
N GLU B 13 5.37 -11.43 -0.89
CA GLU B 13 4.16 -11.04 -0.15
C GLU B 13 4.28 -9.68 0.51
N MET B 14 5.45 -9.05 0.38
CA MET B 14 5.71 -7.79 1.05
C MET B 14 5.86 -6.62 0.09
N SER B 15 6.02 -5.44 0.68
CA SER B 15 5.95 -4.18 -0.03
C SER B 15 7.25 -3.38 0.17
N ASN B 16 7.66 -2.70 -0.88
CA ASN B 16 8.74 -1.75 -0.77
C ASN B 16 8.33 -0.64 0.19
N SER B 17 9.30 -0.19 0.99
CA SER B 17 9.05 0.87 1.96
C SER B 17 9.48 2.24 1.44
N ARG B 18 9.88 2.30 0.16
CA ARG B 18 10.28 3.58 -0.44
C ARG B 18 9.41 4.00 -1.64
N PHE B 19 8.43 3.17 -2.02
CA PHE B 19 7.54 3.46 -3.15
C PHE B 19 6.41 2.41 -3.06
N PRO B 20 5.18 2.77 -3.47
CA PRO B 20 4.05 1.85 -3.22
C PRO B 20 3.94 0.72 -4.24
N ILE B 21 4.91 -0.19 -4.19
CA ILE B 21 5.01 -1.32 -5.12
C ILE B 21 5.48 -2.55 -4.37
N PRO B 22 5.16 -3.75 -4.88
CA PRO B 22 5.59 -4.96 -4.17
C PRO B 22 7.09 -5.17 -4.25
N LEU B 23 7.64 -5.90 -3.29
CA LEU B 23 9.01 -6.37 -3.40
C LEU B 23 9.09 -7.43 -4.47
N GLU B 24 10.26 -7.55 -5.07
CA GLU B 24 10.48 -8.56 -6.10
C GLU B 24 11.58 -9.55 -5.73
N LYS B 25 12.65 -9.08 -5.12
CA LYS B 25 13.81 -9.93 -4.87
C LYS B 25 14.73 -9.36 -3.80
N LEU B 26 15.65 -10.20 -3.35
CA LEU B 26 16.71 -9.79 -2.46
C LEU B 26 17.96 -9.55 -3.29
N TYR B 27 18.66 -8.49 -2.98
CA TYR B 27 19.84 -8.10 -3.73
C TYR B 27 20.92 -7.60 -2.77
N THR B 28 22.16 -7.99 -3.01
CA THR B 28 23.27 -7.39 -2.31
C THR B 28 24.23 -6.83 -3.35
N GLY B 29 24.86 -5.70 -3.02
CA GLY B 29 25.85 -5.12 -3.89
C GLY B 29 26.70 -4.13 -3.15
N PRO B 30 27.78 -3.65 -3.81
CA PRO B 30 28.68 -2.69 -3.17
C PRO B 30 28.01 -1.35 -2.99
N SER B 31 28.34 -0.67 -1.91
CA SER B 31 27.74 0.63 -1.62
C SER B 31 28.77 1.71 -1.34
N SER B 32 30.05 1.41 -1.51
CA SER B 32 31.10 2.41 -1.28
C SER B 32 31.00 3.65 -2.18
N ALA B 33 30.35 3.53 -3.34
CA ALA B 33 30.26 4.67 -4.26
C ALA B 33 29.08 5.59 -3.93
N PHE B 34 28.30 5.21 -2.93
CA PHE B 34 27.09 5.92 -2.56
C PHE B 34 27.12 6.31 -1.10
N VAL B 35 26.29 7.29 -0.76
CA VAL B 35 25.87 7.44 0.61
C VAL B 35 24.47 6.85 0.68
N VAL B 36 24.33 5.77 1.44
CA VAL B 36 23.05 5.07 1.58
C VAL B 36 22.33 5.64 2.78
N GLN B 37 21.43 6.58 2.53
CA GLN B 37 20.76 7.32 3.59
C GLN B 37 19.27 7.51 3.27
N PRO B 38 18.58 6.43 2.90
CA PRO B 38 17.14 6.60 2.65
C PRO B 38 16.41 7.06 3.91
N GLN B 39 15.30 7.77 3.72
CA GLN B 39 14.53 8.29 4.84
C GLN B 39 13.21 7.55 5.04
N ASN B 40 12.72 6.89 4.00
CA ASN B 40 11.59 6.00 4.11
C ASN B 40 12.09 4.58 4.33
N GLY B 41 11.31 3.77 5.01
CA GLY B 41 11.72 2.42 5.35
C GLY B 41 12.79 2.38 6.41
N ARG B 42 12.71 3.29 7.39
CA ARG B 42 13.68 3.41 8.47
C ARG B 42 12.97 3.24 9.79
N CYS B 43 13.39 2.25 10.56
CA CYS B 43 12.75 1.91 11.82
C CYS B 43 13.71 1.04 12.60
N THR B 44 13.80 1.26 13.90
CA THR B 44 14.64 0.39 14.72
C THR B 44 13.92 -0.92 14.99
N THR B 45 14.66 -1.93 15.43
CA THR B 45 14.04 -3.21 15.71
C THR B 45 13.09 -3.13 16.89
N ASP B 46 13.29 -2.16 17.78
N ASP B 46 13.30 -2.12 17.75
CA ASP B 46 12.34 -1.98 18.88
CA ASP B 46 12.42 -1.85 18.91
C ASP B 46 11.21 -0.99 18.54
C ASP B 46 11.19 -1.04 18.53
N GLY B 47 11.06 -0.66 17.26
CA GLY B 47 9.88 0.02 16.78
C GLY B 47 9.88 1.53 16.78
N VAL B 48 11.04 2.16 16.78
CA VAL B 48 11.13 3.61 16.70
C VAL B 48 11.27 4.00 15.24
N LEU B 49 10.26 4.69 14.72
CA LEU B 49 10.28 5.18 13.35
C LEU B 49 11.32 6.27 13.18
N LEU B 50 12.03 6.25 12.05
CA LEU B 50 13.10 7.21 11.79
C LEU B 50 12.85 7.95 10.48
N GLY B 51 13.55 9.06 10.28
CA GLY B 51 13.48 9.79 9.03
C GLY B 51 12.08 10.30 8.72
N THR B 52 11.58 9.99 7.53
CA THR B 52 10.24 10.32 7.11
C THR B 52 9.34 9.10 7.08
N THR B 53 9.69 8.08 7.86
CA THR B 53 8.96 6.81 7.76
C THR B 53 7.63 6.83 8.48
N GLN B 54 6.59 6.38 7.78
CA GLN B 54 5.27 6.14 8.37
C GLN B 54 4.83 4.70 8.07
N LEU B 55 3.60 4.36 8.42
CA LEU B 55 3.25 2.96 8.62
C LEU B 55 2.67 2.18 7.44
N SER B 56 2.20 2.85 6.38
CA SER B 56 1.63 2.11 5.25
CA SER B 56 1.61 2.13 5.25
C SER B 56 2.28 2.49 3.93
N ALA B 57 2.52 1.47 3.11
CA ALA B 57 3.14 1.70 1.82
C ALA B 57 2.27 2.56 0.91
N VAL B 58 0.95 2.53 1.09
CA VAL B 58 0.09 3.24 0.16
C VAL B 58 0.21 4.75 0.25
N ASN B 59 0.89 5.26 1.28
CA ASN B 59 1.03 6.70 1.45
C ASN B 59 2.36 7.24 0.94
N ILE B 60 3.26 6.35 0.55
CA ILE B 60 4.61 6.77 0.21
C ILE B 60 4.59 7.49 -1.15
N CYS B 61 5.25 8.63 -1.20
CA CYS B 61 5.30 9.45 -2.41
C CYS B 61 3.93 9.95 -2.86
N ASN B 62 2.94 9.93 -1.97
CA ASN B 62 1.66 10.60 -2.19
C ASN B 62 1.75 12.04 -1.68
N PHE B 63 0.98 12.95 -2.24
CA PHE B 63 0.92 14.33 -1.75
C PHE B 63 -0.54 14.78 -1.76
N ARG B 64 -0.88 15.65 -0.81
CA ARG B 64 -2.21 16.24 -0.73
C ARG B 64 -2.09 17.71 -0.41
N GLY B 65 -3.04 18.48 -0.93
CA GLY B 65 -3.11 19.90 -0.62
C GLY B 65 -3.97 20.64 -1.62
N ASP B 66 -3.87 21.95 -1.62
CA ASP B 66 -4.53 22.76 -2.64
C ASP B 66 -3.49 23.20 -3.64
N VAL B 67 -3.92 23.50 -4.86
CA VAL B 67 -3.01 23.87 -5.92
C VAL B 67 -3.31 25.23 -6.55
N THR B 68 -2.24 25.88 -7.02
CA THR B 68 -2.36 27.13 -7.75
C THR B 68 -1.45 27.06 -8.96
N ARG B 69 -1.92 27.57 -10.09
CA ARG B 69 -1.13 27.51 -11.31
C ARG B 69 0.07 28.43 -11.18
N VAL B 70 1.20 27.98 -11.73
CA VAL B 70 2.39 28.81 -11.81
C VAL B 70 2.30 29.65 -13.07
N GLY B 71 2.13 30.95 -12.91
CA GLY B 71 2.00 31.84 -14.03
C GLY B 71 0.86 31.40 -14.93
N ILE B 72 1.16 31.29 -16.23
CA ILE B 72 0.23 30.80 -17.23
C ILE B 72 0.75 29.49 -17.84
N SER B 73 1.52 28.76 -17.04
CA SER B 73 2.14 27.50 -17.45
C SER B 73 1.24 26.30 -17.15
N HIS B 74 1.77 25.10 -17.42
CA HIS B 74 1.12 23.85 -17.06
C HIS B 74 1.63 23.31 -15.72
N ASP B 75 2.40 24.11 -15.00
CA ASP B 75 2.89 23.72 -13.68
C ASP B 75 1.96 24.25 -12.61
N TYR B 76 1.85 23.50 -11.51
CA TYR B 76 1.02 23.87 -10.37
C TYR B 76 1.82 23.69 -9.09
N THR B 77 1.71 24.66 -8.20
CA THR B 77 2.24 24.55 -6.85
C THR B 77 1.18 23.92 -5.98
N MET B 78 1.57 22.90 -5.22
CA MET B 78 0.72 22.33 -4.18
C MET B 78 1.19 22.78 -2.80
N ASN B 79 0.28 23.42 -2.09
CA ASN B 79 0.46 23.77 -0.70
C ASN B 79 0.01 22.58 0.12
N LEU B 80 0.98 21.91 0.75
CA LEU B 80 0.74 20.61 1.34
C LEU B 80 -0.09 20.66 2.60
N VAL B 81 -0.89 19.61 2.76
CA VAL B 81 -1.59 19.30 4.00
C VAL B 81 -1.19 17.89 4.40
N SER B 82 -1.66 17.45 5.58
CA SER B 82 -1.34 16.12 6.08
C SER B 82 -2.20 15.08 5.38
N GLN B 83 -1.90 13.81 5.66
CA GLN B 83 -2.61 12.69 5.07
C GLN B 83 -4.11 12.80 5.25
N ASN B 84 -4.55 13.30 6.41
CA ASN B 84 -5.97 13.40 6.71
C ASN B 84 -6.56 14.79 6.40
N TRP B 85 -5.81 15.56 5.62
CA TRP B 85 -6.24 16.86 5.09
C TRP B 85 -6.13 18.01 6.11
N ASN B 86 -5.57 17.73 7.28
CA ASN B 86 -5.31 18.79 8.26
C ASN B 86 -4.04 19.57 7.92
N ASN B 87 -3.89 20.77 8.48
CA ASN B 87 -2.75 21.60 8.14
CA ASN B 87 -2.72 21.62 8.23
C ASN B 87 -1.42 20.86 8.38
N TYR B 88 -0.44 21.12 7.51
CA TYR B 88 0.89 20.56 7.71
C TYR B 88 1.69 21.45 8.66
N ASP B 89 2.50 20.83 9.51
CA ASP B 89 3.27 21.56 10.50
C ASP B 89 4.78 21.50 10.24
N PRO B 90 5.35 22.58 9.66
CA PRO B 90 6.78 22.53 9.29
C PRO B 90 7.72 22.49 10.49
N THR B 91 7.18 22.72 11.69
CA THR B 91 8.02 22.81 12.88
C THR B 91 8.31 21.46 13.52
N GLU B 92 7.61 20.43 13.08
CA GLU B 92 7.84 19.08 13.59
C GLU B 92 9.26 18.63 13.25
N GLU B 93 9.89 17.89 14.16
CA GLU B 93 11.31 17.56 14.05
C GLU B 93 11.54 16.32 13.18
N ILE B 94 11.17 16.47 11.91
CA ILE B 94 11.35 15.46 10.90
C ILE B 94 11.92 16.17 9.66
N PRO B 95 12.51 15.41 8.72
CA PRO B 95 13.14 16.07 7.56
C PRO B 95 12.14 16.71 6.61
N ALA B 96 10.90 16.22 6.63
CA ALA B 96 9.88 16.55 5.64
C ALA B 96 8.68 15.73 6.06
N PRO B 97 7.50 16.01 5.49
CA PRO B 97 6.32 15.22 5.86
C PRO B 97 6.59 13.72 5.73
N LEU B 98 6.01 12.93 6.62
CA LEU B 98 6.20 11.49 6.52
C LEU B 98 5.70 11.00 5.16
N GLY B 99 6.48 10.14 4.53
CA GLY B 99 6.16 9.62 3.20
C GLY B 99 6.73 10.39 2.03
N THR B 100 7.34 11.57 2.27
CA THR B 100 7.95 12.37 1.22
C THR B 100 8.96 11.52 0.44
N PRO B 101 9.04 11.69 -0.89
CA PRO B 101 10.08 10.96 -1.63
C PRO B 101 11.47 11.19 -1.06
N ASP B 102 12.28 10.14 -0.99
CA ASP B 102 13.63 10.25 -0.44
C ASP B 102 14.71 10.02 -1.47
N PHE B 103 14.41 10.32 -2.74
CA PHE B 103 15.40 10.25 -3.79
C PHE B 103 15.19 11.35 -4.78
N VAL B 104 16.25 11.69 -5.50
CA VAL B 104 16.19 12.66 -6.58
C VAL B 104 15.73 11.95 -7.85
N GLY B 105 14.60 12.38 -8.37
CA GLY B 105 14.05 11.79 -9.56
C GLY B 105 12.75 12.46 -9.93
N LYS B 106 12.25 12.10 -11.11
CA LYS B 106 11.01 12.65 -11.64
C LYS B 106 9.94 11.57 -11.55
N ILE B 107 9.03 11.76 -10.61
CA ILE B 107 7.99 10.78 -10.30
C ILE B 107 6.72 11.20 -11.02
N GLN B 108 6.19 10.31 -11.86
CA GLN B 108 4.97 10.58 -12.60
C GLN B 108 3.79 9.81 -12.00
N GLY B 109 2.63 10.43 -12.08
CA GLY B 109 1.40 9.83 -11.61
C GLY B 109 0.21 10.64 -12.06
N LEU B 110 -0.88 10.60 -11.30
CA LEU B 110 -2.05 11.43 -11.59
C LEU B 110 -2.28 12.37 -10.43
N LEU B 111 -2.58 13.61 -10.78
CA LEU B 111 -3.03 14.61 -9.84
C LEU B 111 -4.55 14.66 -10.01
N THR B 112 -5.27 14.38 -8.91
CA THR B 112 -6.72 14.30 -8.91
C THR B 112 -7.28 15.37 -7.99
N GLN B 113 -8.50 15.79 -8.28
CA GLN B 113 -9.13 16.83 -7.49
C GLN B 113 -10.64 16.64 -7.45
N THR B 114 -11.22 17.01 -6.30
CA THR B 114 -12.66 17.09 -6.14
C THR B 114 -13.05 18.49 -5.77
N THR B 115 -14.14 18.98 -6.35
CA THR B 115 -14.76 20.23 -5.94
C THR B 115 -15.80 19.91 -4.89
N ARG B 116 -15.57 20.35 -3.66
CA ARG B 116 -16.41 19.95 -2.54
C ARG B 116 -17.87 20.28 -2.76
N ALA B 117 -18.13 21.47 -3.25
CA ALA B 117 -19.49 21.96 -3.31
C ALA B 117 -20.40 21.08 -4.15
N ASP B 118 -19.89 20.49 -5.23
CA ASP B 118 -20.76 19.75 -6.15
C ASP B 118 -20.30 18.34 -6.47
N GLY B 119 -19.20 17.90 -5.87
CA GLY B 119 -18.73 16.55 -6.10
C GLY B 119 -18.12 16.30 -7.46
N SER B 120 -17.88 17.36 -8.24
CA SER B 120 -17.22 17.18 -9.54
C SER B 120 -15.74 16.86 -9.35
N THR B 121 -15.19 16.09 -10.27
CA THR B 121 -13.85 15.55 -10.12
C THR B 121 -13.08 15.61 -11.43
N ARG B 122 -11.76 15.45 -11.33
CA ARG B 122 -10.87 15.63 -12.48
C ARG B 122 -9.52 15.01 -12.19
N ALA B 123 -8.78 14.67 -13.24
CA ALA B 123 -7.47 14.05 -13.10
C ALA B 123 -6.61 14.38 -14.29
N HIS B 124 -5.32 14.60 -14.00
CA HIS B 124 -4.35 14.98 -15.03
C HIS B 124 -3.03 14.31 -14.76
N LYS B 125 -2.38 13.85 -15.81
CA LYS B 125 -1.05 13.30 -15.69
C LYS B 125 -0.15 14.39 -15.14
N ALA B 126 0.72 14.03 -14.20
CA ALA B 126 1.56 14.99 -13.53
C ALA B 126 2.87 14.37 -13.10
N THR B 127 3.90 15.21 -13.04
CA THR B 127 5.23 14.79 -12.65
C THR B 127 5.78 15.74 -11.61
N VAL B 128 6.38 15.17 -10.56
CA VAL B 128 7.11 15.97 -9.60
C VAL B 128 8.59 15.65 -9.71
N SER B 129 9.36 16.70 -9.97
CA SER B 129 10.81 16.59 -10.04
C SER B 129 11.39 16.91 -8.68
N THR B 130 11.89 15.90 -7.99
CA THR B 130 12.30 16.12 -6.60
C THR B 130 13.66 16.80 -6.49
N GLY B 131 14.39 16.90 -7.61
CA GLY B 131 15.64 17.64 -7.67
C GLY B 131 15.43 19.12 -7.99
N SER B 132 14.20 19.50 -8.29
CA SER B 132 13.89 20.88 -8.61
C SER B 132 14.05 21.80 -7.38
N VAL B 133 14.47 23.03 -7.61
CA VAL B 133 14.48 24.02 -6.55
C VAL B 133 13.09 24.26 -5.97
N HIS B 134 12.03 23.88 -6.69
CA HIS B 134 10.66 24.05 -6.21
C HIS B 134 10.16 22.86 -5.42
N PHE B 135 10.98 21.83 -5.26
CA PHE B 135 10.64 20.73 -4.38
C PHE B 135 11.04 21.13 -2.96
N THR B 136 10.08 21.71 -2.24
CA THR B 136 10.34 22.22 -0.91
C THR B 136 9.32 21.69 0.11
N PRO B 137 9.17 20.36 0.17
CA PRO B 137 8.13 19.79 1.04
C PRO B 137 8.30 20.18 2.51
N LYS B 138 9.53 20.32 3.01
CA LYS B 138 9.73 20.70 4.40
C LYS B 138 9.15 22.09 4.65
N LEU B 139 9.21 22.96 3.63
CA LEU B 139 8.62 24.30 3.74
C LEU B 139 7.10 24.30 3.53
N GLY B 140 6.59 23.18 3.03
CA GLY B 140 5.15 23.02 2.82
C GLY B 140 4.65 23.14 1.40
N SER B 141 5.51 23.03 0.40
CA SER B 141 5.05 23.08 -0.98
C SER B 141 5.94 22.30 -1.93
N VAL B 142 5.31 21.73 -2.95
CA VAL B 142 6.03 21.14 -4.06
C VAL B 142 5.38 21.60 -5.35
N GLN B 143 6.09 21.45 -6.45
CA GLN B 143 5.58 21.85 -7.75
C GLN B 143 5.46 20.65 -8.68
N PHE B 144 4.36 20.61 -9.44
CA PHE B 144 4.10 19.57 -10.43
C PHE B 144 4.04 20.17 -11.82
N THR B 145 4.55 19.43 -12.80
CA THR B 145 4.25 19.72 -14.20
C THR B 145 3.09 18.82 -14.58
N THR B 146 2.07 19.40 -15.18
CA THR B 146 0.88 18.66 -15.52
C THR B 146 0.54 18.79 -17.00
N ASP B 147 -0.47 18.06 -17.42
CA ASP B 147 -0.97 18.15 -18.79
C ASP B 147 -2.11 19.18 -19.00
N THR B 148 -2.35 20.04 -18.02
CA THR B 148 -3.33 21.11 -18.14
C THR B 148 -2.74 22.45 -17.73
N ASN B 149 -3.30 23.52 -18.27
CA ASN B 149 -2.98 24.86 -17.79
C ASN B 149 -4.25 25.57 -17.28
N ASN B 150 -5.37 24.87 -17.12
CA ASN B 150 -6.62 25.55 -16.80
CA ASN B 150 -6.56 25.57 -16.65
C ASN B 150 -7.66 24.76 -15.98
N ASP B 151 -7.49 23.44 -15.85
CA ASP B 151 -8.58 22.64 -15.31
C ASP B 151 -8.63 22.54 -13.78
N PHE B 152 -7.49 22.71 -13.10
CA PHE B 152 -7.50 22.63 -11.64
C PHE B 152 -8.05 23.92 -11.03
N GLN B 153 -8.87 23.76 -10.01
CA GLN B 153 -9.47 24.87 -9.29
C GLN B 153 -8.69 25.14 -8.03
N THR B 154 -8.68 26.39 -7.61
CA THR B 154 -8.02 26.79 -6.38
C THR B 154 -8.91 26.44 -5.18
N GLY B 155 -8.26 26.23 -4.03
CA GLY B 155 -8.98 26.01 -2.79
C GLY B 155 -9.70 24.69 -2.66
N GLN B 156 -9.37 23.74 -3.53
CA GLN B 156 -9.97 22.41 -3.52
C GLN B 156 -8.95 21.33 -3.23
N ASN B 157 -9.38 20.32 -2.50
CA ASN B 157 -8.50 19.22 -2.15
C ASN B 157 -8.03 18.47 -3.38
N THR B 158 -6.71 18.28 -3.44
CA THR B 158 -6.03 17.73 -4.59
C THR B 158 -5.05 16.66 -4.07
N LYS B 159 -4.96 15.53 -4.76
CA LYS B 159 -4.07 14.44 -4.37
C LYS B 159 -3.19 14.05 -5.54
N PHE B 160 -1.91 13.79 -5.26
CA PHE B 160 -1.03 13.13 -6.22
C PHE B 160 -0.86 11.69 -5.82
N THR B 161 -1.19 10.79 -6.75
CA THR B 161 -0.92 9.37 -6.59
C THR B 161 0.23 9.01 -7.51
N PRO B 162 1.34 8.51 -6.94
CA PRO B 162 2.51 8.18 -7.75
C PRO B 162 2.31 6.89 -8.52
N VAL B 163 2.93 6.78 -9.68
CA VAL B 163 2.91 5.55 -10.44
C VAL B 163 4.30 5.03 -10.75
N GLY B 164 5.17 5.90 -11.24
CA GLY B 164 6.50 5.46 -11.64
C GLY B 164 7.40 6.66 -11.86
N VAL B 165 8.44 6.44 -12.65
CA VAL B 165 9.48 7.44 -12.83
C VAL B 165 9.80 7.65 -14.31
N ILE B 166 10.29 8.83 -14.64
CA ILE B 166 10.66 9.17 -16.01
C ILE B 166 12.12 9.56 -16.09
N GLN B 167 12.62 9.65 -17.31
CA GLN B 167 13.99 10.05 -17.58
C GLN B 167 14.04 10.83 -18.89
N ASP B 168 14.97 11.77 -18.95
CA ASP B 168 15.20 12.50 -20.19
CA ASP B 168 15.19 12.61 -20.14
C ASP B 168 16.69 12.69 -20.41
N GLY B 169 17.09 12.48 -21.65
CA GLY B 169 18.49 12.70 -22.03
C GLY B 169 19.17 11.50 -22.64
N ASP B 170 20.27 11.79 -23.34
CA ASP B 170 21.02 10.78 -24.08
C ASP B 170 21.72 9.80 -23.17
N HIS B 171 21.92 10.19 -21.90
CA HIS B 171 22.57 9.29 -20.96
C HIS B 171 21.53 8.44 -20.29
N HIS B 172 21.30 7.26 -20.85
CA HIS B 172 20.23 6.41 -20.37
C HIS B 172 20.49 5.92 -18.93
N GLN B 173 19.40 5.77 -18.20
CA GLN B 173 19.40 5.36 -16.80
C GLN B 173 20.20 6.30 -15.90
N ASN B 174 20.31 7.57 -16.29
CA ASN B 174 21.00 8.57 -15.46
C ASN B 174 20.17 9.08 -14.29
N GLU B 175 18.86 8.82 -14.35
CA GLU B 175 17.95 9.23 -13.28
C GLU B 175 16.82 8.22 -13.27
N PRO B 176 16.10 8.08 -12.15
CA PRO B 176 16.37 8.66 -10.83
C PRO B 176 17.72 8.24 -10.25
N GLN B 177 18.11 8.94 -9.19
CA GLN B 177 19.30 8.62 -8.41
C GLN B 177 18.80 8.22 -7.04
N GLN B 178 18.63 6.92 -6.82
CA GLN B 178 17.90 6.45 -5.65
C GLN B 178 18.66 6.71 -4.35
N TRP B 179 19.97 6.94 -4.43
CA TRP B 179 20.76 7.17 -3.22
C TRP B 179 21.16 8.63 -3.02
N VAL B 180 20.52 9.54 -3.76
CA VAL B 180 20.75 10.97 -3.56
C VAL B 180 19.49 11.56 -2.96
N LEU B 181 19.61 12.07 -1.74
CA LEU B 181 18.48 12.70 -1.07
C LEU B 181 18.14 14.02 -1.73
N PRO B 182 16.84 14.32 -1.84
CA PRO B 182 16.45 15.67 -2.25
C PRO B 182 16.84 16.69 -1.18
N ASN B 183 16.85 17.96 -1.56
CA ASN B 183 16.91 19.05 -0.58
C ASN B 183 15.49 19.41 -0.18
N TYR B 184 15.08 18.95 1.00
CA TYR B 184 13.68 19.05 1.40
C TYR B 184 13.18 20.49 1.57
N SER B 185 14.11 21.40 1.84
CA SER B 185 13.80 22.83 1.91
C SER B 185 14.37 23.62 0.72
N GLY B 186 14.70 22.93 -0.36
CA GLY B 186 15.27 23.60 -1.51
C GLY B 186 16.59 24.28 -1.18
N THR B 187 16.77 25.46 -1.73
CA THR B 187 17.99 26.21 -1.50
C THR B 187 17.97 27.00 -0.19
N SER B 188 16.83 27.00 0.50
CA SER B 188 16.66 27.81 1.70
CA SER B 188 16.68 27.84 1.69
C SER B 188 17.44 27.30 2.90
N GLY B 189 17.69 26.00 2.93
CA GLY B 189 18.40 25.44 4.06
C GLY B 189 18.76 23.99 3.84
N HIS B 190 19.63 23.49 4.70
CA HIS B 190 20.08 22.11 4.60
CA HIS B 190 20.08 22.11 4.61
C HIS B 190 19.05 21.15 5.21
N ASN B 191 19.16 19.88 4.86
CA ASN B 191 18.27 18.89 5.41
C ASN B 191 18.51 18.74 6.90
N VAL B 192 17.44 18.42 7.63
CA VAL B 192 17.49 18.26 9.09
C VAL B 192 16.83 16.96 9.53
N HIS B 193 17.19 16.51 10.71
CA HIS B 193 16.56 15.40 11.40
C HIS B 193 16.59 14.10 10.62
N LEU B 194 17.67 13.89 9.87
CA LEU B 194 17.76 12.72 9.01
C LEU B 194 18.04 11.44 9.79
N ALA B 195 17.46 10.34 9.32
CA ALA B 195 17.95 9.03 9.71
C ALA B 195 19.37 8.92 9.17
N PRO B 196 20.27 8.27 9.93
CA PRO B 196 21.69 8.25 9.55
C PRO B 196 21.97 7.42 8.31
N ALA B 197 23.07 7.73 7.63
CA ALA B 197 23.55 6.85 6.57
C ALA B 197 23.93 5.50 7.19
N VAL B 198 23.85 4.46 6.38
CA VAL B 198 24.25 3.12 6.79
C VAL B 198 25.30 2.58 5.85
N ALA B 199 26.17 1.74 6.40
CA ALA B 199 27.22 1.16 5.62
C ALA B 199 27.71 -0.09 6.33
N PRO B 200 28.16 -1.08 5.57
CA PRO B 200 28.82 -2.21 6.20
C PRO B 200 30.17 -1.76 6.76
N THR B 201 30.59 -2.31 7.89
CA THR B 201 31.88 -1.95 8.49
C THR B 201 32.77 -3.17 8.65
N PHE B 202 32.15 -4.34 8.74
CA PHE B 202 32.86 -5.56 9.06
C PHE B 202 33.44 -6.16 7.78
N PRO B 203 34.68 -6.65 7.82
CA PRO B 203 35.30 -7.11 6.57
C PRO B 203 34.51 -8.20 5.87
N GLY B 204 34.33 -8.02 4.57
CA GLY B 204 33.59 -8.96 3.74
C GLY B 204 32.09 -8.76 3.73
N GLU B 205 31.58 -7.73 4.41
CA GLU B 205 30.14 -7.52 4.44
C GLU B 205 29.66 -6.49 3.42
N GLN B 206 28.40 -6.66 3.02
CA GLN B 206 27.65 -5.69 2.23
C GLN B 206 26.27 -5.54 2.83
N LEU B 207 25.58 -4.46 2.48
CA LEU B 207 24.17 -4.33 2.80
C LEU B 207 23.37 -5.36 2.02
N LEU B 208 22.28 -5.82 2.62
CA LEU B 208 21.26 -6.59 1.91
C LEU B 208 20.07 -5.69 1.69
N PHE B 209 19.60 -5.68 0.45
CA PHE B 209 18.51 -4.82 0.02
C PHE B 209 17.29 -5.63 -0.37
N PHE B 210 16.13 -5.04 -0.12
CA PHE B 210 14.86 -5.55 -0.58
C PHE B 210 14.51 -4.72 -1.83
N ARG B 211 14.53 -5.38 -2.99
CA ARG B 211 14.54 -4.69 -4.28
C ARG B 211 13.20 -4.83 -5.06
N SER B 212 12.79 -3.71 -5.65
CA SER B 212 11.67 -3.64 -6.58
C SER B 212 12.12 -2.92 -7.84
N THR B 213 11.27 -2.98 -8.86
CA THR B 213 11.47 -2.25 -10.10
C THR B 213 10.33 -1.25 -10.21
N MET B 214 10.65 0.04 -10.14
CA MET B 214 9.62 1.06 -10.30
C MET B 214 9.12 1.06 -11.74
N PRO B 215 7.80 1.21 -11.94
CA PRO B 215 7.34 1.39 -13.33
C PRO B 215 8.01 2.58 -13.99
N GLY B 216 8.38 2.42 -15.25
CA GLY B 216 8.88 3.53 -16.05
C GLY B 216 7.75 4.14 -16.86
N CYS B 217 7.74 5.47 -16.92
CA CYS B 217 6.63 6.20 -17.53
C CYS B 217 7.00 7.02 -18.75
N SER B 218 8.29 7.15 -19.02
CA SER B 218 8.79 7.85 -20.21
C SER B 218 10.31 7.81 -20.20
N GLY B 219 10.91 7.75 -21.38
CA GLY B 219 12.35 7.75 -21.48
C GLY B 219 12.98 6.46 -21.03
N TYR B 220 14.19 6.58 -20.50
CA TYR B 220 15.03 5.43 -20.16
C TYR B 220 15.48 5.50 -18.69
N PRO B 221 14.52 5.42 -17.76
CA PRO B 221 14.88 5.59 -16.35
C PRO B 221 15.60 4.41 -15.74
N ASN B 222 16.38 4.71 -14.71
CA ASN B 222 16.90 3.69 -13.81
C ASN B 222 15.78 3.32 -12.86
N MET B 223 15.21 2.13 -13.06
CA MET B 223 14.03 1.72 -12.30
C MET B 223 14.31 0.93 -11.03
N ASN B 224 15.56 0.67 -10.71
CA ASN B 224 15.86 -0.07 -9.49
C ASN B 224 15.52 0.72 -8.23
N LEU B 225 14.89 0.06 -7.27
CA LEU B 225 14.61 0.71 -5.99
C LEU B 225 14.82 -0.26 -4.86
N ASP B 226 15.83 0.05 -4.06
CA ASP B 226 16.24 -0.79 -2.92
C ASP B 226 15.81 -0.18 -1.62
N CYS B 227 15.17 -0.97 -0.75
CA CYS B 227 14.88 -0.49 0.59
C CYS B 227 15.60 -1.34 1.62
N LEU B 228 15.76 -0.80 2.82
CA LEU B 228 16.52 -1.49 3.86
C LEU B 228 15.66 -2.46 4.67
N LEU B 229 14.36 -2.19 4.73
CA LEU B 229 13.38 -3.01 5.46
C LEU B 229 12.10 -3.04 4.64
N PRO B 230 11.45 -4.20 4.52
CA PRO B 230 10.10 -4.20 3.94
C PRO B 230 9.16 -3.33 4.77
N GLN B 231 8.15 -2.76 4.13
CA GLN B 231 7.19 -1.97 4.89
C GLN B 231 6.54 -2.79 6.00
N GLU B 232 6.29 -4.07 5.73
CA GLU B 232 5.68 -4.94 6.72
C GLU B 232 6.58 -5.17 7.93
N TRP B 233 7.90 -5.06 7.76
CA TRP B 233 8.79 -5.15 8.92
C TRP B 233 8.73 -3.88 9.75
N VAL B 234 8.68 -2.72 9.09
CA VAL B 234 8.47 -1.47 9.81
C VAL B 234 7.23 -1.56 10.67
N SER B 235 6.13 -1.99 10.08
CA SER B 235 4.90 -2.05 10.86
CA SER B 235 4.87 -2.11 10.80
C SER B 235 4.97 -3.10 11.97
N HIS B 236 5.63 -4.23 11.70
CA HIS B 236 5.82 -5.25 12.72
C HIS B 236 6.61 -4.73 13.93
N PHE B 237 7.75 -4.09 13.69
CA PHE B 237 8.57 -3.62 14.79
C PHE B 237 7.85 -2.52 15.57
N TYR B 238 7.21 -1.61 14.85
CA TYR B 238 6.45 -0.53 15.47
C TYR B 238 5.41 -1.06 16.45
N GLN B 239 4.71 -2.11 16.07
CA GLN B 239 3.70 -2.67 16.96
C GLN B 239 4.25 -3.55 18.07
N GLU B 240 5.19 -4.43 17.75
CA GLU B 240 5.73 -5.34 18.74
C GLU B 240 6.55 -4.62 19.79
N ALA B 241 7.38 -3.68 19.34
CA ALA B 241 8.26 -2.94 20.23
C ALA B 241 9.02 -3.86 21.17
N ALA B 242 9.54 -4.96 20.64
CA ALA B 242 10.32 -5.90 21.44
C ALA B 242 11.69 -5.28 21.70
N PRO B 243 12.13 -5.28 22.97
CA PRO B 243 13.43 -4.68 23.30
C PRO B 243 14.59 -5.38 22.61
N ALA B 244 15.53 -4.61 22.08
CA ALA B 244 16.73 -5.19 21.50
C ALA B 244 17.64 -5.63 22.64
N GLN B 245 18.07 -6.88 22.64
CA GLN B 245 18.89 -7.42 23.71
CA GLN B 245 18.89 -7.37 23.73
C GLN B 245 20.38 -7.30 23.44
N SER B 246 20.71 -6.91 22.21
CA SER B 246 22.08 -6.61 21.79
C SER B 246 21.99 -5.75 20.53
N ASP B 247 23.14 -5.43 19.96
CA ASP B 247 23.22 -4.54 18.80
C ASP B 247 22.75 -5.15 17.49
N VAL B 248 22.72 -6.48 17.42
CA VAL B 248 22.45 -7.18 16.17
C VAL B 248 21.58 -8.40 16.43
N ALA B 249 20.56 -8.53 15.59
CA ALA B 249 19.74 -9.72 15.57
C ALA B 249 20.19 -10.63 14.43
N LEU B 250 20.62 -11.85 14.76
CA LEU B 250 21.04 -12.82 13.77
C LEU B 250 19.80 -13.46 13.19
N LEU B 251 19.62 -13.32 11.89
CA LEU B 251 18.50 -13.93 11.18
C LEU B 251 19.00 -15.04 10.26
N ARG B 252 18.21 -16.11 10.16
CA ARG B 252 18.45 -17.16 9.19
C ARG B 252 17.32 -17.13 8.18
N PHE B 253 17.66 -17.26 6.90
CA PHE B 253 16.67 -17.34 5.84
C PHE B 253 16.47 -18.82 5.55
N VAL B 254 15.24 -19.29 5.74
CA VAL B 254 14.94 -20.71 5.78
C VAL B 254 13.96 -21.12 4.69
N ASN B 255 14.19 -22.29 4.11
CA ASN B 255 13.19 -22.89 3.26
C ASN B 255 12.28 -23.72 4.16
N PRO B 256 11.01 -23.33 4.31
CA PRO B 256 10.15 -24.01 5.27
C PRO B 256 9.86 -25.47 4.90
N ASP B 257 9.99 -25.79 3.61
CA ASP B 257 9.69 -27.14 3.13
C ASP B 257 10.74 -28.14 3.60
N THR B 258 12.01 -27.76 3.46
CA THR B 258 13.13 -28.63 3.82
C THR B 258 13.62 -28.33 5.22
N GLY B 259 13.32 -27.13 5.70
CA GLY B 259 13.79 -26.68 7.00
C GLY B 259 15.24 -26.19 6.95
N ARG B 260 15.84 -26.23 5.77
CA ARG B 260 17.25 -25.88 5.62
C ARG B 260 17.48 -24.38 5.56
N VAL B 261 18.57 -23.96 6.18
CA VAL B 261 19.00 -22.57 6.14
C VAL B 261 19.71 -22.28 4.80
N LEU B 262 19.26 -21.25 4.09
CA LEU B 262 19.88 -20.86 2.84
CA LEU B 262 19.89 -20.85 2.84
C LEU B 262 21.07 -19.92 3.07
N PHE B 263 20.87 -18.94 3.96
CA PHE B 263 21.92 -18.00 4.32
C PHE B 263 21.55 -17.37 5.64
N GLU B 264 22.50 -16.67 6.25
CA GLU B 264 22.25 -15.92 7.48
C GLU B 264 22.72 -14.49 7.31
N CYS B 265 22.18 -13.61 8.13
CA CYS B 265 22.44 -12.20 8.00
C CYS B 265 22.31 -11.51 9.35
N LYS B 266 22.81 -10.27 9.40
CA LYS B 266 22.80 -9.46 10.61
C LYS B 266 21.85 -8.31 10.47
N LEU B 267 20.77 -8.35 11.24
CA LEU B 267 19.82 -7.24 11.31
C LEU B 267 20.26 -6.35 12.46
N HIS B 268 20.87 -5.22 12.09
CA HIS B 268 21.33 -4.26 13.07
C HIS B 268 20.14 -3.59 13.75
N LYS B 269 20.25 -3.34 15.05
CA LYS B 269 19.09 -2.87 15.81
C LYS B 269 18.57 -1.52 15.30
N SER B 270 19.44 -0.73 14.66
CA SER B 270 19.01 0.55 14.11
C SER B 270 18.27 0.42 12.76
N GLY B 271 18.13 -0.80 12.25
CA GLY B 271 17.21 -1.11 11.17
C GLY B 271 17.78 -1.26 9.78
N TYR B 272 18.78 -2.13 9.64
CA TYR B 272 19.27 -2.48 8.32
C TYR B 272 20.01 -3.79 8.43
N ILE B 273 20.23 -4.45 7.29
CA ILE B 273 20.79 -5.78 7.28
C ILE B 273 22.12 -5.83 6.55
N THR B 274 23.09 -6.55 7.09
CA THR B 274 24.29 -6.90 6.32
C THR B 274 24.41 -8.41 6.15
N VAL B 275 25.10 -8.77 5.07
CA VAL B 275 25.44 -10.15 4.75
C VAL B 275 26.92 -10.23 4.39
N ALA B 276 27.49 -11.43 4.45
CA ALA B 276 28.88 -11.65 4.06
C ALA B 276 28.96 -11.98 2.57
N HIS B 277 29.11 -10.92 1.77
CA HIS B 277 29.26 -11.05 0.34
C HIS B 277 29.91 -9.80 -0.23
N THR B 278 30.62 -9.98 -1.34
CA THR B 278 31.21 -8.89 -2.08
C THR B 278 30.84 -8.99 -3.54
N GLY B 279 30.35 -7.87 -4.08
CA GLY B 279 29.93 -7.78 -5.46
C GLY B 279 28.42 -7.84 -5.61
N PRO B 280 27.93 -7.53 -6.82
CA PRO B 280 26.49 -7.57 -7.08
C PRO B 280 26.00 -9.02 -7.15
N TYR B 281 24.87 -9.30 -6.50
CA TYR B 281 24.34 -10.64 -6.46
C TYR B 281 22.84 -10.62 -6.23
N ASP B 282 22.11 -11.15 -7.20
CA ASP B 282 20.69 -11.41 -7.06
C ASP B 282 20.57 -12.75 -6.35
N LEU B 283 20.11 -12.75 -5.11
CA LEU B 283 20.08 -13.98 -4.32
C LEU B 283 19.17 -15.00 -4.95
N VAL B 284 19.62 -16.26 -4.95
CA VAL B 284 18.85 -17.37 -5.48
C VAL B 284 18.09 -18.01 -4.31
N ILE B 285 16.78 -17.79 -4.28
CA ILE B 285 15.95 -18.21 -3.14
C ILE B 285 14.70 -18.92 -3.63
N PRO B 286 14.18 -19.85 -2.82
CA PRO B 286 12.85 -20.41 -3.07
C PRO B 286 11.81 -19.37 -2.71
N PRO B 287 10.70 -19.33 -3.47
CA PRO B 287 9.74 -18.24 -3.24
C PRO B 287 9.05 -18.30 -1.88
N ASN B 288 9.03 -19.48 -1.26
CA ASN B 288 8.43 -19.63 0.06
C ASN B 288 9.40 -19.42 1.23
N GLY B 289 10.64 -19.05 0.94
CA GLY B 289 11.62 -18.81 1.98
C GLY B 289 11.22 -17.61 2.84
N TYR B 290 11.68 -17.61 4.08
CA TYR B 290 11.40 -16.49 4.97
C TYR B 290 12.52 -16.35 5.98
N PHE B 291 12.59 -15.16 6.58
CA PHE B 291 13.57 -14.87 7.61
C PHE B 291 13.06 -15.29 8.98
N ARG B 292 13.99 -15.79 9.79
CA ARG B 292 13.69 -16.23 11.14
C ARG B 292 14.74 -15.67 12.12
N PHE B 293 14.30 -14.96 13.15
CA PHE B 293 15.22 -14.50 14.19
C PHE B 293 15.71 -15.65 15.04
N ASP B 294 17.02 -15.80 15.17
CA ASP B 294 17.58 -16.87 15.98
C ASP B 294 18.26 -16.42 17.25
N SER B 295 19.07 -15.37 17.23
CA SER B 295 19.73 -14.95 18.47
C SER B 295 20.30 -13.53 18.40
N TRP B 296 20.58 -13.01 19.59
CA TRP B 296 21.13 -11.68 19.76
C TRP B 296 22.65 -11.77 19.77
N VAL B 297 23.29 -11.08 18.82
CA VAL B 297 24.74 -11.15 18.65
C VAL B 297 25.31 -9.73 18.59
N ASN B 298 26.60 -9.58 18.26
CA ASN B 298 27.20 -8.24 18.20
C ASN B 298 27.66 -7.88 16.79
N GLN B 299 28.19 -6.66 16.62
CA GLN B 299 28.51 -6.14 15.30
C GLN B 299 29.66 -6.88 14.67
N PHE B 300 30.41 -7.63 15.47
CA PHE B 300 31.57 -8.35 14.98
C PHE B 300 31.30 -9.82 14.71
N TYR B 301 30.03 -10.23 14.76
CA TYR B 301 29.69 -11.60 14.48
C TYR B 301 30.10 -11.93 13.04
N THR B 302 30.89 -13.00 12.88
CA THR B 302 31.36 -13.40 11.57
C THR B 302 30.35 -14.37 10.96
N LEU B 303 29.64 -13.94 9.93
CA LEU B 303 28.61 -14.75 9.31
C LEU B 303 29.18 -15.84 8.45
N ALA B 304 28.46 -16.94 8.33
CA ALA B 304 28.72 -17.89 7.27
C ALA B 304 28.61 -17.12 5.93
N PRO B 305 29.62 -17.23 5.07
CA PRO B 305 29.59 -16.52 3.80
C PRO B 305 28.35 -16.85 2.99
N MET B 306 27.83 -15.83 2.32
CA MET B 306 26.73 -16.05 1.42
C MET B 306 27.15 -17.00 0.30
#